data_2Y3C
#
_entry.id   2Y3C
#
_cell.length_a   41.393
_cell.length_b   77.629
_cell.length_c   88.917
_cell.angle_alpha   90.00
_cell.angle_beta   90.00
_cell.angle_gamma   90.00
#
_symmetry.space_group_name_H-M   'P 21 21 21'
#
loop_
_entity.id
_entity.type
_entity.pdbx_description
1 polymer 'TREPONEMA DENTICOLA VARIABLE PROTEIN 1'
2 non-polymer 'ACETATE ION'
3 non-polymer 'SODIUM ION'
4 non-polymer 'CALCIUM ION'
5 water water
#
_entity_poly.entity_id   1
_entity_poly.type   'polypeptide(L)'
_entity_poly.pdbx_seq_one_letter_code
;GSHKSGGGESSEVTPNTPVDKTYTVGSVEFTMKGIAAVNAQLGHNDYSINQPHTVSLSAYLIGETEVTQELWQAVMGNNP
SHFNGSPAVGETQGKRPVENVNWYQAIAFCNKLSIKLNLEPCYTVNVGGNPVDFAALSFDQIPDSNNADWDKAELDINKK
GFRLPTEAEWEWAAKGGTDDKWSGTNTEAELKNYAWYGSNSGSKTHEVKKKKPNWYGLYDIAGNVAEWCWDWRADIHTGD
SFPQDYPGPASGSGRVLRGGSWAGSADYCAVGERVNISPGVR(CME)SDLGFRLACRP
;
_entity_poly.pdbx_strand_id   A
#
loop_
_chem_comp.id
_chem_comp.type
_chem_comp.name
_chem_comp.formula
ACT non-polymer 'ACETATE ION' 'C2 H3 O2 -1'
CA non-polymer 'CALCIUM ION' 'Ca 2'
NA non-polymer 'SODIUM ION' 'Na 1'
#
# COMPACT_ATOMS: atom_id res chain seq x y z
N THR A 17 -10.17 -10.41 -16.27
CA THR A 17 -9.03 -9.70 -15.62
CA THR A 17 -9.03 -9.70 -15.61
C THR A 17 -8.70 -8.40 -16.36
N PRO A 18 -8.71 -7.25 -15.65
CA PRO A 18 -8.38 -6.00 -16.32
C PRO A 18 -6.99 -6.07 -16.94
N VAL A 19 -6.81 -5.44 -18.09
CA VAL A 19 -5.51 -5.40 -18.74
C VAL A 19 -4.54 -4.57 -17.92
N ASP A 20 -3.29 -5.04 -17.82
CA ASP A 20 -2.26 -4.28 -17.13
C ASP A 20 -2.07 -2.93 -17.84
N LYS A 21 -1.64 -1.93 -17.08
CA LYS A 21 -1.45 -0.58 -17.62
C LYS A 21 -0.10 -0.04 -17.16
N THR A 22 0.63 0.59 -18.07
CA THR A 22 1.87 1.26 -17.69
C THR A 22 1.73 2.75 -17.89
N TYR A 23 2.02 3.49 -16.83
CA TYR A 23 1.94 4.95 -16.85
C TYR A 23 3.32 5.57 -16.77
N THR A 24 3.44 6.80 -17.26
CA THR A 24 4.70 7.51 -17.25
C THR A 24 4.51 8.89 -16.62
N VAL A 25 5.37 9.21 -15.66
CA VAL A 25 5.45 10.55 -15.08
C VAL A 25 6.85 11.05 -15.32
N GLY A 26 6.99 12.02 -16.22
CA GLY A 26 8.30 12.45 -16.69
C GLY A 26 9.02 11.28 -17.36
N SER A 27 10.09 10.84 -16.71
CA SER A 27 10.88 9.71 -17.22
CA SER A 27 10.90 9.72 -17.20
C SER A 27 10.56 8.42 -16.48
N VAL A 28 9.76 8.51 -15.42
CA VAL A 28 9.47 7.35 -14.57
C VAL A 28 8.26 6.57 -15.04
N GLU A 29 8.44 5.28 -15.26
CA GLU A 29 7.34 4.39 -15.63
C GLU A 29 6.95 3.54 -14.44
N PHE A 30 5.66 3.24 -14.33
CA PHE A 30 5.19 2.26 -13.35
C PHE A 30 4.02 1.48 -13.93
N THR A 31 3.88 0.25 -13.46
CA THR A 31 2.87 -0.67 -13.96
C THR A 31 1.82 -1.01 -12.90
N MET A 32 0.57 -0.98 -13.35
CA MET A 32 -0.57 -1.44 -12.57
C MET A 32 -1.04 -2.78 -13.12
N LYS A 33 -1.23 -3.76 -12.22
CA LYS A 33 -1.57 -5.13 -12.60
C LYS A 33 -3.04 -5.42 -12.35
N GLY A 34 -3.70 -6.01 -13.35
CA GLY A 34 -5.12 -6.34 -13.25
C GLY A 34 -5.43 -7.50 -12.33
N ILE A 35 -6.48 -7.33 -11.52
CA ILE A 35 -6.98 -8.36 -10.62
C ILE A 35 -8.48 -8.51 -10.91
N ALA A 36 -8.89 -9.73 -11.24
CA ALA A 36 -10.29 -9.99 -11.59
C ALA A 36 -11.23 -9.86 -10.41
N ALA A 37 -12.48 -9.47 -10.69
CA ALA A 37 -13.53 -9.51 -9.68
C ALA A 37 -13.62 -10.92 -9.09
N VAL A 38 -13.85 -11.01 -7.78
CA VAL A 38 -13.78 -12.27 -7.07
C VAL A 38 -14.52 -12.21 -5.73
N ASN A 39 -14.95 -13.37 -5.23
CA ASN A 39 -15.31 -13.48 -3.83
C ASN A 39 -14.08 -13.91 -3.06
N ALA A 40 -13.36 -12.92 -2.55
CA ALA A 40 -12.07 -13.16 -1.93
C ALA A 40 -12.21 -13.87 -0.60
N GLN A 41 -11.54 -15.02 -0.49
CA GLN A 41 -11.50 -15.78 0.75
CA GLN A 41 -11.51 -15.77 0.77
C GLN A 41 -10.25 -15.36 1.52
N LEU A 42 -10.48 -14.61 2.60
CA LEU A 42 -9.41 -13.92 3.32
C LEU A 42 -9.30 -14.41 4.75
N GLY A 43 -8.23 -14.00 5.42
CA GLY A 43 -7.99 -14.42 6.80
C GLY A 43 -7.57 -15.87 6.91
N HIS A 44 -7.46 -16.35 8.14
CA HIS A 44 -7.04 -17.71 8.43
C HIS A 44 -7.39 -18.01 9.88
N ASN A 45 -7.70 -19.27 10.16
CA ASN A 45 -8.04 -19.69 11.53
C ASN A 45 -6.98 -19.32 12.56
N ASP A 46 -5.72 -19.29 12.14
CA ASP A 46 -4.60 -19.02 13.03
C ASP A 46 -4.41 -17.55 13.41
N TYR A 47 -5.16 -16.64 12.78
CA TYR A 47 -5.11 -15.22 13.14
C TYR A 47 -6.34 -14.82 13.93
N SER A 48 -6.18 -14.61 15.23
CA SER A 48 -7.31 -14.27 16.08
C SER A 48 -8.05 -13.01 15.64
N ILE A 49 -7.31 -12.06 15.06
CA ILE A 49 -7.86 -10.77 14.61
C ILE A 49 -8.11 -10.71 13.10
N ASN A 50 -7.81 -11.81 12.40
CA ASN A 50 -8.03 -11.91 10.96
C ASN A 50 -8.61 -13.27 10.62
N GLN A 51 -9.76 -13.56 11.22
CA GLN A 51 -10.42 -14.85 11.04
C GLN A 51 -10.92 -15.01 9.60
N PRO A 52 -11.15 -16.27 9.16
CA PRO A 52 -11.64 -16.48 7.80
C PRO A 52 -12.90 -15.67 7.50
N HIS A 53 -12.89 -14.98 6.37
CA HIS A 53 -14.04 -14.19 5.95
C HIS A 53 -13.98 -13.97 4.45
N THR A 54 -15.12 -13.62 3.87
CA THR A 54 -15.23 -13.39 2.45
C THR A 54 -15.53 -11.91 2.17
N VAL A 55 -14.87 -11.35 1.17
CA VAL A 55 -15.22 -10.01 0.69
C VAL A 55 -15.37 -10.07 -0.82
N SER A 56 -16.54 -9.72 -1.32
CA SER A 56 -16.74 -9.61 -2.77
C SER A 56 -16.02 -8.36 -3.25
N LEU A 57 -15.10 -8.54 -4.20
CA LEU A 57 -14.31 -7.45 -4.73
C LEU A 57 -14.63 -7.20 -6.20
N SER A 58 -14.81 -5.94 -6.56
CA SER A 58 -14.85 -5.56 -7.97
C SER A 58 -13.45 -5.62 -8.58
N ALA A 59 -13.38 -5.77 -9.90
CA ALA A 59 -12.11 -5.78 -10.61
C ALA A 59 -11.32 -4.52 -10.28
N TYR A 60 -10.01 -4.67 -10.11
CA TYR A 60 -9.16 -3.54 -9.79
C TYR A 60 -7.77 -3.76 -10.35
N LEU A 61 -6.94 -2.74 -10.21
CA LEU A 61 -5.53 -2.86 -10.51
C LEU A 61 -4.74 -2.52 -9.26
N ILE A 62 -3.59 -3.17 -9.11
CA ILE A 62 -2.72 -2.92 -7.97
C ILE A 62 -1.29 -2.81 -8.49
N GLY A 63 -0.48 -2.00 -7.82
CA GLY A 63 0.87 -1.74 -8.29
C GLY A 63 1.71 -3.00 -8.39
N GLU A 64 2.38 -3.15 -9.53
CA GLU A 64 3.34 -4.24 -9.71
C GLU A 64 4.43 -4.18 -8.63
N THR A 65 4.85 -2.97 -8.31
CA THR A 65 5.84 -2.76 -7.27
C THR A 65 5.31 -1.76 -6.24
N GLU A 66 6.04 -1.62 -5.15
CA GLU A 66 5.91 -0.47 -4.26
C GLU A 66 6.20 0.82 -5.02
N VAL A 67 5.65 1.93 -4.52
CA VAL A 67 6.01 3.24 -5.05
C VAL A 67 7.49 3.47 -4.74
N THR A 68 8.26 3.76 -5.79
CA THR A 68 9.70 3.93 -5.63
C THR A 68 10.05 5.38 -5.29
N GLN A 69 11.28 5.59 -4.86
CA GLN A 69 11.76 6.93 -4.56
C GLN A 69 11.69 7.83 -5.79
N GLU A 70 12.05 7.31 -6.95
CA GLU A 70 12.00 8.14 -8.14
C GLU A 70 10.56 8.50 -8.55
N LEU A 71 9.61 7.58 -8.38
CA LEU A 71 8.21 7.91 -8.66
C LEU A 71 7.69 8.94 -7.66
N TRP A 72 7.94 8.68 -6.37
CA TRP A 72 7.58 9.63 -5.33
C TRP A 72 8.09 11.03 -5.68
N GLN A 73 9.38 11.13 -5.97
CA GLN A 73 9.98 12.44 -6.21
C GLN A 73 9.45 13.09 -7.50
N ALA A 74 9.21 12.29 -8.53
CA ALA A 74 8.66 12.83 -9.79
C ALA A 74 7.34 13.57 -9.55
N VAL A 75 6.57 13.09 -8.59
CA VAL A 75 5.28 13.69 -8.26
C VAL A 75 5.36 14.78 -7.19
N MET A 76 6.16 14.54 -6.16
CA MET A 76 6.15 15.35 -4.94
CA MET A 76 6.13 15.36 -4.94
C MET A 76 7.26 16.38 -4.85
N GLY A 77 8.34 16.18 -5.59
N GLY A 77 8.34 16.16 -5.61
CA GLY A 77 9.43 17.15 -5.62
CA GLY A 77 9.49 17.07 -5.65
C GLY A 77 10.35 17.12 -4.40
C GLY A 77 10.60 16.68 -4.70
N ASN A 78 10.23 16.09 -3.57
CA ASN A 78 11.16 15.85 -2.47
C ASN A 78 11.44 14.35 -2.32
N ASN A 79 12.22 13.98 -1.31
CA ASN A 79 12.43 12.58 -1.00
C ASN A 79 12.72 12.42 0.48
N PRO A 80 11.68 12.07 1.27
CA PRO A 80 11.84 11.98 2.72
C PRO A 80 12.40 10.64 3.19
N SER A 81 12.72 9.74 2.26
CA SER A 81 13.15 8.38 2.61
C SER A 81 14.31 8.37 3.57
N HIS A 82 14.25 7.48 4.55
CA HIS A 82 15.38 7.28 5.46
C HIS A 82 16.57 6.71 4.69
N PHE A 83 16.31 5.71 3.85
CA PHE A 83 17.36 5.08 3.05
C PHE A 83 17.46 5.80 1.71
N ASN A 84 17.92 7.05 1.75
CA ASN A 84 18.02 7.82 0.51
C ASN A 84 19.41 7.75 -0.15
N GLY A 85 20.29 6.92 0.41
CA GLY A 85 21.60 6.64 -0.17
C GLY A 85 22.13 5.28 0.23
N SER A 86 23.38 5.01 -0.12
CA SER A 86 24.06 3.75 0.21
C SER A 86 23.27 2.48 -0.14
N PRO A 87 22.86 2.34 -1.42
CA PRO A 87 22.16 1.12 -1.80
C PRO A 87 23.07 -0.11 -1.71
N ALA A 88 22.47 -1.27 -1.60
CA ALA A 88 23.19 -2.54 -1.67
C ALA A 88 23.90 -2.65 -3.01
N VAL A 89 24.94 -3.48 -3.05
CA VAL A 89 25.74 -3.69 -4.25
C VAL A 89 24.86 -4.06 -5.44
N GLY A 90 25.04 -3.34 -6.53
CA GLY A 90 24.33 -3.63 -7.78
C GLY A 90 22.94 -3.06 -7.89
N GLU A 91 22.48 -2.35 -6.86
CA GLU A 91 21.12 -1.82 -6.85
C GLU A 91 21.07 -0.34 -7.16
N THR A 92 19.98 0.07 -7.81
CA THR A 92 19.74 1.45 -8.20
C THR A 92 18.96 2.18 -7.10
N GLN A 93 19.57 3.24 -6.58
CA GLN A 93 19.00 3.99 -5.45
C GLN A 93 17.56 4.45 -5.68
N GLY A 94 17.29 5.05 -6.83
CA GLY A 94 15.99 5.63 -7.13
C GLY A 94 14.88 4.60 -7.23
N LYS A 95 15.25 3.33 -7.42
CA LYS A 95 14.27 2.25 -7.56
C LYS A 95 14.04 1.48 -6.27
N ARG A 96 14.62 1.97 -5.18
CA ARG A 96 14.23 1.52 -3.84
C ARG A 96 12.85 2.09 -3.51
N PRO A 97 12.08 1.40 -2.64
CA PRO A 97 10.78 1.96 -2.28
C PRO A 97 10.92 3.26 -1.50
N VAL A 98 9.99 4.17 -1.71
CA VAL A 98 9.88 5.31 -0.81
C VAL A 98 9.44 4.78 0.55
N GLU A 99 9.94 5.41 1.61
CA GLU A 99 9.47 5.13 2.96
C GLU A 99 9.57 6.41 3.77
N ASN A 100 9.23 6.35 5.05
CA ASN A 100 9.25 7.55 5.89
C ASN A 100 8.22 8.57 5.40
N VAL A 101 7.10 8.05 4.93
CA VAL A 101 5.93 8.83 4.53
C VAL A 101 4.74 8.34 5.35
N ASN A 102 4.00 9.27 5.93
CA ASN A 102 2.83 8.90 6.73
C ASN A 102 1.62 8.70 5.83
N TRP A 103 0.51 8.28 6.43
CA TRP A 103 -0.66 7.88 5.66
C TRP A 103 -1.26 9.08 4.91
N TYR A 104 -1.22 10.25 5.54
CA TYR A 104 -1.69 11.48 4.91
C TYR A 104 -0.86 11.84 3.68
N GLN A 105 0.45 11.72 3.83
CA GLN A 105 1.37 12.01 2.74
C GLN A 105 1.18 11.03 1.58
N ALA A 106 0.90 9.77 1.91
CA ALA A 106 0.60 8.77 0.89
C ALA A 106 -0.68 9.10 0.11
N ILE A 107 -1.75 9.47 0.80
CA ILE A 107 -2.97 9.78 0.07
C ILE A 107 -2.84 11.07 -0.74
N ALA A 108 -2.04 12.01 -0.26
CA ALA A 108 -1.76 13.23 -1.00
C ALA A 108 -1.02 12.93 -2.31
N PHE A 109 -0.01 12.06 -2.22
CA PHE A 109 0.69 11.56 -3.41
C PHE A 109 -0.29 10.96 -4.41
N CYS A 110 -1.21 10.12 -3.92
CA CYS A 110 -2.18 9.47 -4.79
C CYS A 110 -2.98 10.49 -5.58
N ASN A 111 -3.48 11.53 -4.90
CA ASN A 111 -4.23 12.58 -5.58
C ASN A 111 -3.38 13.38 -6.57
N LYS A 112 -2.15 13.72 -6.18
CA LYS A 112 -1.28 14.49 -7.07
C LYS A 112 -0.91 13.68 -8.32
N LEU A 113 -0.70 12.38 -8.14
CA LEU A 113 -0.42 11.50 -9.26
C LEU A 113 -1.62 11.44 -10.22
N SER A 114 -2.81 11.28 -9.67
CA SER A 114 -4.04 11.30 -10.48
C SER A 114 -4.13 12.56 -11.32
N ILE A 115 -3.93 13.71 -10.66
CA ILE A 115 -3.99 15.01 -11.34
C ILE A 115 -2.97 15.12 -12.46
N LYS A 116 -1.73 14.70 -12.19
CA LYS A 116 -0.67 14.74 -13.22
CA LYS A 116 -0.68 14.74 -13.21
C LYS A 116 -1.04 13.88 -14.42
N LEU A 117 -1.74 12.77 -14.19
CA LEU A 117 -2.14 11.85 -15.25
C LEU A 117 -3.57 12.06 -15.76
N ASN A 118 -4.17 13.19 -15.41
CA ASN A 118 -5.49 13.59 -15.91
C ASN A 118 -6.61 12.61 -15.56
N LEU A 119 -6.51 12.04 -14.36
CA LEU A 119 -7.54 11.18 -13.80
C LEU A 119 -8.17 11.89 -12.61
N GLU A 120 -9.45 11.67 -12.40
CA GLU A 120 -10.15 12.28 -11.27
CA GLU A 120 -10.17 12.26 -11.26
C GLU A 120 -9.65 11.68 -9.96
N PRO A 121 -9.28 12.55 -9.00
CA PRO A 121 -8.79 12.10 -7.70
CA PRO A 121 -8.79 12.07 -7.71
C PRO A 121 -9.85 11.32 -6.91
N CYS A 122 -9.41 10.26 -6.22
CA CYS A 122 -10.30 9.46 -5.41
C CYS A 122 -10.59 10.08 -4.05
N TYR A 123 -9.70 10.96 -3.59
CA TYR A 123 -9.79 11.44 -2.22
C TYR A 123 -10.18 12.90 -2.15
N THR A 124 -11.02 13.22 -1.16
CA THR A 124 -11.38 14.59 -0.81
CA THR A 124 -11.31 14.60 -0.83
C THR A 124 -11.05 14.82 0.66
N VAL A 125 -10.47 15.98 0.96
CA VAL A 125 -10.19 16.38 2.33
C VAL A 125 -10.68 17.82 2.48
N ASN A 126 -11.39 18.08 3.58
CA ASN A 126 -11.78 19.44 3.92
C ASN A 126 -11.02 19.91 5.15
N VAL A 127 -10.31 21.02 5.01
CA VAL A 127 -9.57 21.61 6.11
C VAL A 127 -10.31 22.86 6.57
N GLY A 128 -10.80 22.80 7.82
CA GLY A 128 -11.59 23.88 8.39
C GLY A 128 -12.78 24.26 7.53
N GLY A 129 -13.36 23.28 6.83
CA GLY A 129 -14.53 23.50 5.99
C GLY A 129 -14.21 23.89 4.55
N ASN A 130 -12.92 24.00 4.25
CA ASN A 130 -12.45 24.39 2.92
CA ASN A 130 -12.46 24.38 2.91
C ASN A 130 -11.87 23.18 2.18
N PRO A 131 -12.46 22.81 1.02
CA PRO A 131 -11.91 21.68 0.26
C PRO A 131 -10.45 21.90 -0.13
N VAL A 132 -9.60 20.91 0.13
CA VAL A 132 -8.19 20.98 -0.23
C VAL A 132 -8.03 20.83 -1.74
N ASP A 133 -7.34 21.78 -2.36
CA ASP A 133 -6.96 21.68 -3.76
C ASP A 133 -5.61 20.96 -3.81
N PHE A 134 -5.64 19.69 -4.21
CA PHE A 134 -4.44 18.86 -4.15
C PHE A 134 -3.36 19.23 -5.16
N ALA A 135 -3.73 19.98 -6.20
CA ALA A 135 -2.76 20.52 -7.14
C ALA A 135 -1.94 21.62 -6.46
N ALA A 136 -2.63 22.52 -5.77
CA ALA A 136 -2.01 23.67 -5.10
C ALA A 136 -1.29 23.29 -3.81
N LEU A 137 -1.75 22.20 -3.19
CA LEU A 137 -1.23 21.74 -1.91
C LEU A 137 0.29 21.60 -1.93
N SER A 138 0.95 22.20 -0.95
CA SER A 138 2.39 22.02 -0.77
CA SER A 138 2.39 22.05 -0.74
C SER A 138 2.64 20.93 0.28
N PHE A 139 3.79 20.28 0.17
CA PHE A 139 4.12 19.17 1.07
C PHE A 139 4.05 19.54 2.57
N ASP A 140 4.55 20.72 2.92
CA ASP A 140 4.56 21.17 4.32
CA ASP A 140 4.57 21.17 4.32
C ASP A 140 3.17 21.38 4.92
N GLN A 141 2.16 21.48 4.06
CA GLN A 141 0.78 21.64 4.50
C GLN A 141 0.15 20.30 4.89
N ILE A 142 0.76 19.19 4.48
CA ILE A 142 0.26 17.87 4.86
C ILE A 142 0.66 17.60 6.32
N PRO A 143 -0.30 17.16 7.15
CA PRO A 143 0.04 16.95 8.56
C PRO A 143 1.13 15.90 8.80
N ASP A 144 1.95 16.15 9.81
CA ASP A 144 2.94 15.15 10.27
C ASP A 144 2.61 14.64 11.68
N SER A 145 1.37 14.87 12.10
CA SER A 145 0.84 14.29 13.32
CA SER A 145 0.83 14.36 13.34
C SER A 145 -0.63 14.04 13.10
N ASN A 146 -1.25 13.30 14.02
CA ASN A 146 -2.67 12.99 13.89
C ASN A 146 -3.47 14.27 13.70
N ASN A 147 -4.30 14.27 12.66
CA ASN A 147 -5.05 15.44 12.26
C ASN A 147 -6.47 15.02 11.96
N ALA A 148 -7.42 15.65 12.65
CA ALA A 148 -8.83 15.27 12.55
C ALA A 148 -9.42 15.47 11.16
N ASP A 149 -9.07 16.57 10.49
CA ASP A 149 -9.60 16.86 9.17
C ASP A 149 -9.15 15.82 8.16
N TRP A 150 -7.87 15.51 8.18
CA TRP A 150 -7.34 14.51 7.25
C TRP A 150 -7.79 13.10 7.61
N ASP A 151 -8.07 12.86 8.90
CA ASP A 151 -8.62 11.57 9.31
C ASP A 151 -10.01 11.34 8.73
N LYS A 152 -10.68 12.43 8.34
CA LYS A 152 -12.01 12.33 7.74
CA LYS A 152 -12.01 12.38 7.75
C LYS A 152 -11.97 12.38 6.22
N ALA A 153 -10.79 12.09 5.66
CA ALA A 153 -10.64 12.00 4.21
C ALA A 153 -11.73 11.10 3.63
N GLU A 154 -12.33 11.53 2.52
CA GLU A 154 -13.39 10.78 1.86
CA GLU A 154 -13.38 10.77 1.88
C GLU A 154 -12.86 10.05 0.63
N LEU A 155 -13.21 8.77 0.51
CA LEU A 155 -12.87 7.95 -0.63
C LEU A 155 -14.07 7.80 -1.54
N ASP A 156 -13.90 8.16 -2.81
CA ASP A 156 -14.83 7.79 -3.86
C ASP A 156 -14.16 6.71 -4.70
N ILE A 157 -14.52 5.47 -4.41
CA ILE A 157 -13.86 4.30 -4.98
C ILE A 157 -14.19 4.13 -6.46
N ASN A 158 -15.18 4.89 -6.94
CA ASN A 158 -15.58 4.80 -8.34
C ASN A 158 -14.91 5.81 -9.26
N LYS A 159 -14.11 6.71 -8.69
CA LYS A 159 -13.27 7.59 -9.50
C LYS A 159 -12.14 6.76 -10.09
N LYS A 160 -11.57 7.22 -11.20
CA LYS A 160 -10.55 6.44 -11.93
C LYS A 160 -9.12 6.71 -11.47
N GLY A 161 -8.95 7.60 -10.49
CA GLY A 161 -7.61 7.95 -10.00
C GLY A 161 -6.95 6.90 -9.14
N PHE A 162 -5.74 7.21 -8.71
CA PHE A 162 -4.95 6.31 -7.88
C PHE A 162 -5.29 6.47 -6.41
N ARG A 163 -5.10 5.40 -5.65
CA ARG A 163 -5.46 5.38 -4.25
C ARG A 163 -4.71 4.26 -3.53
N LEU A 164 -4.82 4.23 -2.22
CA LEU A 164 -4.37 3.08 -1.46
C LEU A 164 -5.36 1.93 -1.68
N PRO A 165 -4.85 0.69 -1.71
CA PRO A 165 -5.78 -0.44 -1.75
C PRO A 165 -6.55 -0.54 -0.45
N THR A 166 -7.78 -1.06 -0.53
CA THR A 166 -8.42 -1.47 0.71
C THR A 166 -7.64 -2.67 1.27
N GLU A 167 -7.83 -2.96 2.56
CA GLU A 167 -7.17 -4.11 3.15
C GLU A 167 -7.55 -5.41 2.45
N ALA A 168 -8.83 -5.56 2.08
CA ALA A 168 -9.28 -6.74 1.37
C ALA A 168 -8.63 -6.88 -0.01
N GLU A 169 -8.55 -5.77 -0.74
CA GLU A 169 -7.86 -5.74 -2.03
C GLU A 169 -6.38 -6.11 -1.88
N TRP A 170 -5.73 -5.59 -0.85
CA TRP A 170 -4.33 -5.86 -0.62
C TRP A 170 -4.13 -7.36 -0.34
N GLU A 171 -4.89 -7.90 0.62
CA GLU A 171 -4.69 -9.30 0.99
C GLU A 171 -5.01 -10.26 -0.16
N TRP A 172 -6.11 -10.02 -0.88
CA TRP A 172 -6.44 -10.88 -1.99
C TRP A 172 -5.32 -10.89 -3.05
N ALA A 173 -4.82 -9.72 -3.40
CA ALA A 173 -3.72 -9.63 -4.37
C ALA A 173 -2.46 -10.30 -3.84
N ALA A 174 -2.18 -10.11 -2.55
CA ALA A 174 -1.00 -10.70 -1.92
C ALA A 174 -1.00 -12.22 -1.98
N LYS A 175 -2.19 -12.81 -1.85
CA LYS A 175 -2.33 -14.27 -1.84
C LYS A 175 -1.97 -14.89 -3.19
N GLY A 176 -2.08 -14.10 -4.27
CA GLY A 176 -1.61 -14.53 -5.59
C GLY A 176 -2.23 -15.84 -6.08
N GLY A 177 -3.50 -16.06 -5.72
CA GLY A 177 -4.25 -17.21 -6.22
C GLY A 177 -3.98 -18.51 -5.49
N THR A 178 -3.20 -18.45 -4.40
CA THR A 178 -2.86 -19.64 -3.62
C THR A 178 -3.29 -19.48 -2.15
N ASP A 179 -3.07 -20.54 -1.38
CA ASP A 179 -3.39 -20.61 0.04
CA ASP A 179 -3.39 -20.51 0.05
C ASP A 179 -2.13 -20.60 0.93
N ASP A 180 -0.99 -20.23 0.35
CA ASP A 180 0.27 -20.21 1.10
C ASP A 180 0.29 -19.11 2.16
N LYS A 181 1.10 -19.32 3.19
CA LYS A 181 1.22 -18.34 4.28
C LYS A 181 1.86 -17.03 3.81
N TRP A 182 2.78 -17.13 2.86
CA TRP A 182 3.44 -15.96 2.27
C TRP A 182 3.12 -15.83 0.78
N SER A 183 3.46 -14.67 0.23
CA SER A 183 3.27 -14.37 -1.19
CA SER A 183 3.26 -14.39 -1.19
C SER A 183 4.30 -15.09 -2.05
N GLY A 184 3.96 -16.30 -2.48
CA GLY A 184 4.83 -17.08 -3.33
C GLY A 184 5.36 -18.36 -2.70
N THR A 185 5.21 -18.49 -1.38
CA THR A 185 5.78 -19.64 -0.66
C THR A 185 5.09 -19.99 0.67
N ASN A 186 5.28 -21.23 1.13
CA ASN A 186 4.69 -21.73 2.37
C ASN A 186 5.74 -22.10 3.45
N THR A 187 7.00 -21.82 3.18
CA THR A 187 8.05 -22.01 4.19
C THR A 187 8.87 -20.74 4.40
N GLU A 188 9.34 -20.55 5.62
CA GLU A 188 10.31 -19.50 5.89
C GLU A 188 11.59 -19.75 5.09
N ALA A 189 11.94 -21.03 4.91
CA ALA A 189 13.12 -21.41 4.13
C ALA A 189 13.16 -20.76 2.75
N GLU A 190 12.03 -20.77 2.04
CA GLU A 190 12.01 -20.24 0.68
CA GLU A 190 12.00 -20.25 0.68
C GLU A 190 11.73 -18.75 0.64
N LEU A 191 11.34 -18.17 1.78
CA LEU A 191 10.96 -16.74 1.81
C LEU A 191 12.04 -15.80 1.27
N LYS A 192 13.31 -16.15 1.51
CA LYS A 192 14.43 -15.37 1.00
C LYS A 192 14.39 -15.16 -0.51
N ASN A 193 13.72 -16.05 -1.23
CA ASN A 193 13.64 -15.93 -2.68
C ASN A 193 12.55 -14.98 -3.16
N TYR A 194 11.70 -14.56 -2.23
CA TYR A 194 10.52 -13.75 -2.53
C TYR A 194 10.52 -12.40 -1.82
N ALA A 195 11.31 -12.27 -0.77
CA ALA A 195 11.16 -11.14 0.15
C ALA A 195 12.48 -10.71 0.73
N TRP A 196 12.62 -9.40 0.93
CA TRP A 196 13.67 -8.84 1.75
C TRP A 196 13.10 -8.62 3.15
N TYR A 197 13.49 -9.49 4.09
CA TYR A 197 12.95 -9.39 5.45
C TYR A 197 14.10 -9.37 6.46
N GLY A 198 13.80 -9.50 7.76
CA GLY A 198 14.81 -9.30 8.80
C GLY A 198 16.07 -10.10 8.59
N SER A 199 15.93 -11.33 8.13
CA SER A 199 17.06 -12.24 8.03
C SER A 199 18.03 -11.95 6.88
N ASN A 200 17.51 -11.44 5.77
CA ASN A 200 18.32 -11.32 4.56
C ASN A 200 18.45 -9.90 3.99
N SER A 201 17.87 -8.90 4.65
CA SER A 201 17.90 -7.58 4.02
CA SER A 201 17.85 -7.53 4.11
C SER A 201 19.13 -6.75 4.35
N GLY A 202 19.89 -7.14 5.35
CA GLY A 202 21.05 -6.32 5.75
C GLY A 202 20.62 -5.00 6.36
N SER A 203 19.44 -4.99 6.99
CA SER A 203 18.93 -3.83 7.73
C SER A 203 18.67 -2.61 6.86
N LYS A 204 18.18 -2.84 5.64
CA LYS A 204 17.89 -1.77 4.69
CA LYS A 204 17.89 -1.76 4.70
C LYS A 204 16.89 -2.20 3.63
N THR A 205 16.29 -1.22 2.97
CA THR A 205 15.43 -1.51 1.82
C THR A 205 16.27 -1.84 0.59
N HIS A 206 15.62 -2.48 -0.38
CA HIS A 206 16.27 -2.89 -1.61
C HIS A 206 15.51 -2.39 -2.82
N GLU A 207 16.22 -2.27 -3.93
CA GLU A 207 15.58 -1.97 -5.19
C GLU A 207 14.39 -2.92 -5.38
N VAL A 208 13.28 -2.37 -5.87
CA VAL A 208 12.08 -3.19 -6.11
C VAL A 208 12.32 -4.19 -7.26
N LYS A 209 11.54 -5.27 -7.24
CA LYS A 209 11.50 -6.22 -8.37
C LYS A 209 12.82 -7.02 -8.50
N LYS A 210 13.49 -7.27 -7.37
CA LYS A 210 14.73 -8.06 -7.33
C LYS A 210 14.53 -9.48 -6.81
N LYS A 211 13.33 -9.77 -6.32
CA LYS A 211 12.99 -11.10 -5.84
C LYS A 211 11.87 -11.67 -6.72
N LYS A 212 11.46 -12.91 -6.45
CA LYS A 212 10.46 -13.59 -7.27
CA LYS A 212 10.45 -13.58 -7.28
C LYS A 212 9.07 -12.99 -7.04
N PRO A 213 8.30 -12.77 -8.14
CA PRO A 213 6.93 -12.25 -7.97
C PRO A 213 5.96 -13.36 -7.56
N ASN A 214 4.76 -12.98 -7.15
CA ASN A 214 3.70 -13.97 -6.97
C ASN A 214 3.00 -14.22 -8.31
N TRP A 215 2.01 -15.12 -8.33
CA TRP A 215 1.40 -15.52 -9.59
C TRP A 215 0.57 -14.41 -10.26
N TYR A 216 0.22 -13.37 -9.49
CA TYR A 216 -0.46 -12.21 -10.06
C TYR A 216 0.53 -11.19 -10.61
N GLY A 217 1.82 -11.51 -10.52
CA GLY A 217 2.85 -10.63 -11.07
C GLY A 217 3.24 -9.46 -10.19
N LEU A 218 3.03 -9.61 -8.89
CA LEU A 218 3.36 -8.55 -7.92
C LEU A 218 4.68 -8.88 -7.25
N TYR A 219 5.51 -7.85 -7.09
CA TYR A 219 6.83 -7.98 -6.48
C TYR A 219 6.87 -7.28 -5.14
N ASP A 220 7.59 -7.88 -4.19
CA ASP A 220 7.79 -7.36 -2.83
C ASP A 220 6.50 -7.21 -2.03
N ILE A 221 5.49 -8.00 -2.35
CA ILE A 221 4.29 -8.05 -1.50
C ILE A 221 4.69 -8.43 -0.08
N ALA A 222 5.61 -9.39 0.03
CA ALA A 222 6.24 -9.71 1.30
C ALA A 222 7.56 -8.96 1.38
N GLY A 223 7.80 -8.29 2.51
CA GLY A 223 9.08 -7.68 2.78
C GLY A 223 9.34 -6.35 2.09
N ASN A 224 10.59 -5.90 2.22
CA ASN A 224 11.07 -4.62 1.70
C ASN A 224 10.49 -3.49 2.56
N VAL A 225 9.32 -2.98 2.21
CA VAL A 225 8.60 -2.08 3.11
C VAL A 225 7.20 -2.60 3.32
N ALA A 226 6.66 -2.37 4.51
CA ALA A 226 5.24 -2.57 4.74
C ALA A 226 4.47 -1.52 3.93
N GLU A 227 3.18 -1.77 3.70
CA GLU A 227 2.43 -0.98 2.72
C GLU A 227 1.13 -0.46 3.30
N TRP A 228 1.00 0.86 3.34
CA TRP A 228 -0.22 1.48 3.86
C TRP A 228 -1.44 1.03 3.07
N CYS A 229 -2.49 0.67 3.79
CA CYS A 229 -3.79 0.44 3.18
C CYS A 229 -4.77 1.53 3.61
N TRP A 230 -5.93 1.55 2.98
CA TRP A 230 -6.94 2.57 3.25
C TRP A 230 -7.54 2.42 4.66
N ASP A 231 -7.85 1.18 5.05
CA ASP A 231 -8.78 0.91 6.16
C ASP A 231 -8.30 1.33 7.53
N TRP A 232 -9.24 1.80 8.35
CA TRP A 232 -9.06 1.76 9.80
C TRP A 232 -9.05 0.28 10.24
N ARG A 233 -8.25 -0.03 11.24
CA ARG A 233 -8.24 -1.36 11.84
C ARG A 233 -9.43 -1.58 12.76
N ALA A 234 -10.13 -2.69 12.55
CA ALA A 234 -11.01 -3.29 13.53
C ALA A 234 -10.79 -4.79 13.43
N ASP A 235 -10.90 -5.50 14.55
CA ASP A 235 -10.68 -6.94 14.58
C ASP A 235 -11.73 -7.66 13.73
N ILE A 236 -11.29 -8.68 13.01
CA ILE A 236 -12.19 -9.49 12.19
C ILE A 236 -12.34 -10.85 12.86
N HIS A 237 -13.55 -11.10 13.37
CA HIS A 237 -13.79 -12.28 14.20
C HIS A 237 -14.49 -13.39 13.45
N THR A 238 -14.52 -14.57 14.05
CA THR A 238 -15.11 -15.76 13.45
C THR A 238 -16.55 -15.50 13.00
N GLY A 239 -16.85 -15.80 11.75
CA GLY A 239 -18.20 -15.68 11.22
C GLY A 239 -18.60 -14.31 10.69
N ASP A 240 -17.71 -13.32 10.83
CA ASP A 240 -18.00 -11.96 10.36
C ASP A 240 -18.26 -11.88 8.85
N SER A 241 -19.29 -11.10 8.50
CA SER A 241 -19.72 -10.83 7.13
CA SER A 241 -19.58 -10.88 7.10
C SER A 241 -19.37 -9.40 6.75
N PHE A 242 -19.08 -9.16 5.48
CA PHE A 242 -18.68 -7.83 5.02
C PHE A 242 -19.36 -7.48 3.70
N PRO A 243 -19.69 -6.19 3.53
CA PRO A 243 -20.30 -5.79 2.27
C PRO A 243 -19.34 -5.80 1.08
N GLN A 244 -19.93 -5.81 -0.11
CA GLN A 244 -19.16 -5.75 -1.34
CA GLN A 244 -19.20 -5.71 -1.37
C GLN A 244 -18.21 -4.55 -1.32
N ASP A 245 -16.96 -4.80 -1.70
CA ASP A 245 -15.93 -3.75 -1.76
C ASP A 245 -15.78 -2.99 -0.44
N TYR A 246 -15.88 -3.74 0.65
CA TYR A 246 -15.75 -3.23 2.01
C TYR A 246 -14.49 -2.38 2.17
N PRO A 247 -14.65 -1.11 2.58
CA PRO A 247 -13.50 -0.23 2.77
C PRO A 247 -13.10 -0.06 4.23
N GLY A 248 -13.51 -1.00 5.08
CA GLY A 248 -13.23 -0.92 6.50
C GLY A 248 -14.27 -0.12 7.26
N PRO A 249 -14.12 -0.05 8.59
CA PRO A 249 -15.05 0.69 9.44
C PRO A 249 -14.91 2.20 9.27
N ALA A 250 -15.93 2.93 9.73
CA ALA A 250 -15.95 4.37 9.54
C ALA A 250 -14.96 5.10 10.43
N SER A 251 -14.57 4.45 11.53
CA SER A 251 -13.67 5.03 12.51
CA SER A 251 -13.67 5.04 12.50
C SER A 251 -12.68 4.02 13.06
N GLY A 252 -11.59 4.51 13.61
CA GLY A 252 -10.58 3.67 14.22
C GLY A 252 -9.49 4.53 14.79
N SER A 253 -8.48 3.88 15.36
CA SER A 253 -7.33 4.58 15.94
C SER A 253 -6.08 4.44 15.07
N GLY A 254 -5.96 3.34 14.34
CA GLY A 254 -4.82 3.15 13.45
C GLY A 254 -5.22 2.70 12.07
N ARG A 255 -4.50 3.19 11.06
CA ARG A 255 -4.69 2.71 9.70
C ARG A 255 -3.86 1.45 9.46
N VAL A 256 -4.40 0.54 8.65
CA VAL A 256 -3.75 -0.73 8.36
C VAL A 256 -2.51 -0.56 7.48
N LEU A 257 -1.49 -1.35 7.77
CA LEU A 257 -0.35 -1.54 6.86
C LEU A 257 -0.06 -3.02 6.80
N ARG A 258 0.41 -3.47 5.64
CA ARG A 258 0.53 -4.90 5.37
C ARG A 258 1.83 -5.30 4.71
N GLY A 259 2.16 -6.58 4.87
CA GLY A 259 3.19 -7.24 4.07
C GLY A 259 4.56 -7.37 4.69
N GLY A 260 4.79 -6.73 5.82
CA GLY A 260 6.09 -6.79 6.45
C GLY A 260 7.17 -6.04 5.68
N SER A 261 8.39 -6.14 6.18
CA SER A 261 9.45 -5.25 5.74
C SER A 261 10.82 -5.84 5.99
N TRP A 262 11.83 -5.09 5.58
CA TRP A 262 13.23 -5.41 5.84
C TRP A 262 13.53 -5.62 7.33
N ALA A 263 12.72 -5.01 8.18
CA ALA A 263 12.92 -5.03 9.63
C ALA A 263 12.16 -6.15 10.34
N GLY A 264 11.27 -6.82 9.62
CA GLY A 264 10.33 -7.76 10.23
C GLY A 264 10.75 -9.22 10.19
N SER A 265 10.34 -9.98 11.20
CA SER A 265 10.45 -11.43 11.16
C SER A 265 9.72 -11.98 9.93
N ALA A 266 9.97 -13.23 9.60
CA ALA A 266 9.21 -13.89 8.54
C ALA A 266 7.71 -13.82 8.80
N ASP A 267 7.30 -14.05 10.06
CA ASP A 267 5.87 -14.04 10.40
C ASP A 267 5.22 -12.68 10.17
N TYR A 268 6.00 -11.61 10.38
CA TYR A 268 5.52 -10.25 10.13
CA TYR A 268 5.53 -10.25 10.15
C TYR A 268 5.18 -10.01 8.67
N CYS A 269 5.77 -10.80 7.77
CA CYS A 269 5.44 -10.57 6.35
CA CYS A 269 5.60 -10.67 6.33
C CYS A 269 4.50 -11.56 5.74
N ALA A 270 3.85 -12.35 6.60
CA ALA A 270 2.81 -13.27 6.15
C ALA A 270 1.64 -12.49 5.55
N VAL A 271 0.99 -13.05 4.55
CA VAL A 271 -0.10 -12.37 3.82
C VAL A 271 -1.29 -11.99 4.71
N GLY A 272 -1.47 -12.73 5.81
CA GLY A 272 -2.61 -12.50 6.70
C GLY A 272 -2.31 -11.78 8.00
N GLU A 273 -1.07 -11.33 8.18
CA GLU A 273 -0.66 -10.67 9.41
C GLU A 273 -1.04 -9.18 9.38
N ARG A 274 -1.96 -8.79 10.25
CA ARG A 274 -2.50 -7.43 10.25
C ARG A 274 -1.76 -6.54 11.24
N VAL A 275 -1.36 -5.37 10.77
CA VAL A 275 -0.65 -4.37 11.59
C VAL A 275 -1.34 -3.03 11.35
N ASN A 276 -1.29 -2.14 12.33
CA ASN A 276 -1.85 -0.79 12.18
CA ASN A 276 -1.86 -0.80 12.18
C ASN A 276 -1.15 0.21 13.07
N ILE A 277 -1.06 1.44 12.60
CA ILE A 277 -0.46 2.50 13.39
C ILE A 277 -1.21 3.81 13.15
N SER A 278 -0.99 4.78 14.02
CA SER A 278 -1.54 6.13 13.85
CA SER A 278 -1.57 6.10 13.83
C SER A 278 -1.17 6.67 12.47
N PRO A 279 -2.14 7.28 11.76
CA PRO A 279 -1.84 7.72 10.39
C PRO A 279 -0.77 8.81 10.27
N GLY A 280 -0.52 9.53 11.36
CA GLY A 280 0.52 10.57 11.35
C GLY A 280 1.93 10.03 11.47
N VAL A 281 2.07 8.76 11.83
CA VAL A 281 3.36 8.10 12.04
C VAL A 281 4.00 7.70 10.71
N ARG A 282 5.32 7.82 10.64
CA ARG A 282 6.09 7.34 9.50
C ARG A 282 7.40 6.76 9.98
N CME A 283 7.92 5.80 9.22
CA CME A 283 9.09 5.00 9.57
CA CME A 283 9.22 5.24 9.53
CB CME A 283 8.62 3.69 10.20
CB CME A 283 9.23 4.41 10.82
SG CME A 283 7.83 3.84 11.77
SG CME A 283 8.63 2.80 10.51
SD CME A 283 7.84 2.00 12.58
SD CME A 283 6.63 2.86 10.54
CE CME A 283 6.23 1.29 12.39
CE CME A 283 6.12 2.37 12.16
CZ CME A 283 5.90 1.13 10.91
CZ CME A 283 6.24 0.86 12.35
OH CME A 283 6.46 -0.10 10.44
OH CME A 283 5.27 0.19 11.54
C CME A 283 9.86 4.57 8.35
O CME A 283 9.28 4.48 7.26
N SER A 284 11.11 4.16 8.54
CA SER A 284 11.96 3.69 7.45
C SER A 284 11.63 2.31 6.86
N ASP A 285 10.61 1.63 7.40
CA ASP A 285 10.22 0.34 6.83
C ASP A 285 8.77 0.34 6.36
N LEU A 286 8.22 1.54 6.12
CA LEU A 286 6.82 1.68 5.73
C LEU A 286 6.67 2.61 4.54
N GLY A 287 6.17 2.04 3.45
CA GLY A 287 5.85 2.79 2.24
C GLY A 287 4.46 2.44 1.78
N PHE A 288 4.26 2.30 0.47
CA PHE A 288 2.92 1.98 -0.04
C PHE A 288 2.96 1.53 -1.49
N ARG A 289 1.87 0.88 -1.88
CA ARG A 289 1.62 0.36 -3.21
C ARG A 289 0.27 0.93 -3.67
N LEU A 290 0.18 1.29 -4.95
CA LEU A 290 -1.01 1.90 -5.51
C LEU A 290 -2.11 0.92 -5.89
N ALA A 291 -3.34 1.45 -5.96
CA ALA A 291 -4.47 0.73 -6.52
C ALA A 291 -5.28 1.71 -7.36
N CYS A 292 -6.08 1.17 -8.28
CA CYS A 292 -7.06 1.96 -9.02
C CYS A 292 -8.05 1.01 -9.66
N ARG A 293 -9.03 1.57 -10.35
CA ARG A 293 -9.95 0.74 -11.10
C ARG A 293 -9.94 1.11 -12.56
N PRO A 294 -10.22 0.12 -13.44
CA PRO A 294 -10.27 0.41 -14.87
C PRO A 294 -11.48 1.26 -15.24
C ACT B . -1.75 18.87 12.96
O ACT B . -1.98 18.76 11.73
OXT ACT B . -2.64 18.44 13.75
CH3 ACT B . -0.49 19.50 13.46
C ACT C . -4.49 23.72 4.17
O ACT C . -4.80 24.91 4.40
OXT ACT C . -3.86 23.14 5.08
CH3 ACT C . -4.87 23.03 2.90
C ACT D . -1.06 -19.96 7.35
O ACT D . -0.45 -20.92 7.89
OXT ACT D . -1.29 -20.07 6.13
CH3 ACT D . -1.45 -18.74 8.13
C ACT E . 11.84 -14.56 14.38
O ACT E . 11.35 -14.78 15.50
OXT ACT E . 11.52 -15.34 13.46
CH3 ACT E . 12.76 -13.39 14.15
C ACT F . 13.01 5.54 11.31
O ACT F . 12.57 4.40 11.06
OXT ACT F . 13.50 5.69 12.46
CH3 ACT F . 12.96 6.67 10.34
C ACT G . 19.74 -14.99 4.14
O ACT G . 19.42 -15.73 3.19
OXT ACT G . 20.53 -14.05 3.88
CH3 ACT G . 19.18 -15.24 5.51
C ACT H . -5.25 24.50 -0.75
O ACT H . -4.29 23.70 -0.88
OXT ACT H . -6.40 24.04 -0.92
CH3 ACT H . -5.03 25.94 -0.39
C ACT I . 3.88 13.55 -16.94
O ACT I . 4.12 14.49 -16.13
OXT ACT I . 4.84 13.24 -17.69
CH3 ACT I . 2.55 12.86 -17.00
C ACT J . 0.87 6.62 19.02
O ACT J . -0.20 7.04 18.52
OXT ACT J . 1.57 5.89 18.29
CH3 ACT J . 1.27 6.93 20.43
NA NA K . -3.17 -16.45 5.42
CA CA L . 6.32 -4.88 0.72
CA CA M . 5.89 -5.54 1.46
#